data_6LQC
#
_entry.id   6LQC
#
_cell.length_a   82.591
_cell.length_b   82.591
_cell.length_c   175.279
_cell.angle_alpha   90.000
_cell.angle_beta   90.000
_cell.angle_gamma   90.000
#
_symmetry.space_group_name_H-M   'P 43 21 2'
#
loop_
_entity.id
_entity.type
_entity.pdbx_description
1 polymer 'Cyclohexylamine Oxidase'
2 non-polymer 'FLAVIN-ADENINE DINUCLEOTIDE'
3 water water
#
_entity_poly.entity_id   1
_entity_poly.type   'polypeptide(L)'
_entity_poly.pdbx_seq_one_letter_code
;MSNQTDADVIVIGAGPSGSYAAKLLHDQGVRVKLVEAKDRVGGRTWSTKSDAPGGPIDFGGQWIGETHVLLPELGAELGL
ETVSSVKPGNDLFVFNGDVEVGEEDQVPSGASWAGELSRSFELLDEVGTRLGWAAPWASEHVGELDSMTVAQWLEQNVQS
SEVRLIHEVMVNILNGASTTEVSMAYWAYFVHQGEGIESLIGTRSGAQVAWFIGGMGQVTELIADKLGDDVHLNWPVTRI
EQDPTGVTVFSGERRLRASFAILAAPPSAGSRMIFDPPLPPKRAQLQARAPMGRLAKIQVRYDEPFWQERGLSGAAFECG
DLAFWLFDGSKPTDSLATIVGFIGGKHLDAWHALSPNEREKRFIEILVNNFGDKARDVRYVHETDWTVQPWTGGAPVTFM
PTGLLSSAGSALREPVDRLHFAGTEAAPMWSGYIEGALRAGKIAAGDVLARLA
;
_entity_poly.pdbx_strand_id   A
#
# COMPACT_ATOMS: atom_id res chain seq x y z
N GLN A 4 -35.23 11.20 -10.79
CA GLN A 4 -34.79 12.02 -9.63
C GLN A 4 -33.62 11.32 -8.92
N THR A 5 -32.53 12.06 -8.72
CA THR A 5 -31.24 11.59 -8.18
C THR A 5 -31.07 12.03 -6.73
N ASP A 6 -30.42 11.21 -5.91
CA ASP A 6 -29.97 11.58 -4.55
C ASP A 6 -28.70 12.42 -4.64
N ALA A 7 -28.00 12.35 -5.77
CA ALA A 7 -26.73 13.06 -6.01
C ALA A 7 -26.38 13.02 -7.50
N ASP A 8 -25.46 13.87 -7.92
CA ASP A 8 -24.92 13.82 -9.29
C ASP A 8 -23.97 12.63 -9.38
N VAL A 9 -23.22 12.37 -8.31
CA VAL A 9 -22.16 11.32 -8.30
C VAL A 9 -22.15 10.59 -6.96
N ILE A 10 -22.17 9.26 -7.00
CA ILE A 10 -21.93 8.41 -5.79
C ILE A 10 -20.48 7.89 -5.88
N VAL A 11 -19.69 8.17 -4.85
CA VAL A 11 -18.29 7.68 -4.72
C VAL A 11 -18.33 6.52 -3.73
N ILE A 12 -17.82 5.38 -4.15
CA ILE A 12 -17.85 4.15 -3.33
C ILE A 12 -16.48 3.90 -2.73
N GLY A 13 -16.36 4.07 -1.43
CA GLY A 13 -15.11 3.86 -0.69
C GLY A 13 -14.51 5.19 -0.25
N ALA A 14 -14.34 5.33 1.05
CA ALA A 14 -13.79 6.55 1.68
C ALA A 14 -12.35 6.31 2.12
N GLY A 15 -11.58 5.59 1.29
CA GLY A 15 -10.13 5.70 1.42
C GLY A 15 -9.64 7.04 0.90
N PRO A 16 -8.31 7.19 0.76
CA PRO A 16 -7.75 8.42 0.21
C PRO A 16 -8.28 8.71 -1.20
N SER A 17 -8.46 7.67 -2.02
CA SER A 17 -8.88 7.85 -3.44
C SER A 17 -10.30 8.42 -3.53
N GLY A 18 -11.25 7.75 -2.90
CA GLY A 18 -12.67 8.16 -2.87
C GLY A 18 -12.86 9.48 -2.15
N SER A 19 -12.23 9.64 -1.00
CA SER A 19 -12.29 10.90 -0.23
C SER A 19 -11.85 12.05 -1.14
N TYR A 20 -10.73 11.89 -1.84
CA TYR A 20 -10.21 12.97 -2.69
C TYR A 20 -11.16 13.22 -3.85
N ALA A 21 -11.64 12.17 -4.51
CA ALA A 21 -12.53 12.33 -5.66
C ALA A 21 -13.78 13.11 -5.22
N ALA A 22 -14.36 12.72 -4.10
CA ALA A 22 -15.55 13.38 -3.49
C ALA A 22 -15.23 14.85 -3.24
N LYS A 23 -14.06 15.13 -2.65
CA LYS A 23 -13.64 16.51 -2.33
C LYS A 23 -13.57 17.34 -3.62
N LEU A 24 -12.89 16.83 -4.62
CA LEU A 24 -12.70 17.58 -5.88
C LEU A 24 -14.07 17.94 -6.50
N LEU A 25 -14.99 16.97 -6.54
CA LEU A 25 -16.33 17.18 -7.14
C LEU A 25 -17.12 18.17 -6.25
N HIS A 26 -17.06 17.97 -4.93
CA HIS A 26 -17.79 18.80 -3.95
C HIS A 26 -17.31 20.24 -4.11
N ASP A 27 -16.01 20.43 -4.26
CA ASP A 27 -15.37 21.76 -4.38
C ASP A 27 -15.81 22.44 -5.68
N GLN A 28 -16.37 21.72 -6.64
CA GLN A 28 -16.82 22.29 -7.94
C GLN A 28 -18.34 22.45 -7.90
N GLY A 29 -19.00 22.24 -6.74
CA GLY A 29 -20.45 22.42 -6.62
C GLY A 29 -21.22 21.20 -7.09
N VAL A 30 -20.57 20.06 -7.28
CA VAL A 30 -21.27 18.80 -7.66
C VAL A 30 -21.92 18.24 -6.39
N ARG A 31 -23.12 17.69 -6.51
CA ARG A 31 -23.80 17.00 -5.40
C ARG A 31 -23.17 15.62 -5.35
N VAL A 32 -22.53 15.29 -4.24
CA VAL A 32 -21.80 14.00 -4.08
C VAL A 32 -22.34 13.27 -2.86
N LYS A 33 -22.45 11.96 -2.97
CA LYS A 33 -22.50 11.06 -1.80
C LYS A 33 -21.20 10.24 -1.78
N LEU A 34 -20.62 10.07 -0.61
CA LEU A 34 -19.44 9.20 -0.36
C LEU A 34 -19.87 8.07 0.55
N VAL A 35 -19.99 6.87 0.02
CA VAL A 35 -20.52 5.73 0.77
C VAL A 35 -19.34 4.82 1.14
N GLU A 36 -19.30 4.38 2.39
CA GLU A 36 -18.19 3.59 2.97
C GLU A 36 -18.74 2.40 3.73
N ALA A 37 -18.15 1.23 3.50
CA ALA A 37 -18.57 -0.01 4.17
C ALA A 37 -18.28 0.02 5.67
N LYS A 38 -17.11 0.53 6.05
CA LYS A 38 -16.63 0.39 7.44
C LYS A 38 -17.33 1.42 8.34
N ASP A 39 -17.02 1.39 9.63
CA ASP A 39 -17.58 2.35 10.62
C ASP A 39 -16.66 3.56 10.65
N ARG A 40 -15.74 3.69 9.69
CA ARG A 40 -14.84 4.86 9.66
C ARG A 40 -14.46 5.10 8.20
N VAL A 41 -13.82 6.24 7.97
CA VAL A 41 -13.15 6.59 6.70
C VAL A 41 -11.68 6.20 6.83
N GLY A 42 -10.97 6.19 5.71
CA GLY A 42 -9.50 6.03 5.73
C GLY A 42 -9.06 4.81 4.95
N GLY A 43 -9.84 3.73 4.98
CA GLY A 43 -9.50 2.53 4.22
C GLY A 43 -8.20 1.96 4.76
N ARG A 44 -7.17 1.84 3.89
CA ARG A 44 -5.85 1.28 4.26
C ARG A 44 -5.02 2.33 5.01
N THR A 45 -5.56 3.54 5.19
CA THR A 45 -4.98 4.57 6.08
C THR A 45 -5.86 4.59 7.34
N TRP A 46 -5.26 4.74 8.51
CA TRP A 46 -5.99 4.51 9.77
C TRP A 46 -5.05 4.91 10.89
N SER A 47 -5.41 5.94 11.65
CA SER A 47 -4.53 6.41 12.73
C SER A 47 -5.34 6.86 13.95
N THR A 48 -4.68 7.01 15.09
CA THR A 48 -5.29 7.59 16.31
C THR A 48 -4.29 8.50 16.98
N LYS A 49 -4.73 9.68 17.36
CA LYS A 49 -3.84 10.66 18.05
C LYS A 49 -3.60 10.25 19.51
N SER A 50 -4.54 9.61 20.14
CA SER A 50 -4.61 9.49 21.62
C SER A 50 -4.63 8.05 22.11
N ASP A 51 -5.02 7.04 21.34
CA ASP A 51 -5.26 5.67 21.90
C ASP A 51 -3.97 4.98 22.36
N ALA A 52 -2.82 5.31 21.78
CA ALA A 52 -1.56 4.64 22.13
C ALA A 52 -0.74 5.60 22.98
N PRO A 53 0.03 5.07 23.96
CA PRO A 53 1.00 5.89 24.70
C PRO A 53 2.18 6.28 23.80
N GLY A 54 2.71 7.47 24.00
CA GLY A 54 3.90 7.96 23.29
C GLY A 54 3.57 8.86 22.11
N GLY A 55 2.30 9.03 21.77
CA GLY A 55 1.89 9.94 20.70
C GLY A 55 1.02 9.23 19.67
N PRO A 56 0.58 9.97 18.64
CA PRO A 56 -0.25 9.39 17.59
C PRO A 56 0.46 8.20 16.96
N ILE A 57 -0.36 7.30 16.41
CA ILE A 57 0.14 6.05 15.82
C ILE A 57 -0.71 5.73 14.59
N ASP A 58 -0.02 5.28 13.54
CA ASP A 58 -0.67 4.89 12.26
C ASP A 58 -0.74 3.37 12.20
N PHE A 59 -1.94 2.84 12.01
CA PHE A 59 -2.14 1.37 11.87
C PHE A 59 -1.98 0.98 10.40
N GLY A 60 -2.24 1.93 9.49
CA GLY A 60 -2.16 1.68 8.04
C GLY A 60 -1.02 2.47 7.42
N GLY A 61 -1.14 2.84 6.16
CA GLY A 61 -0.07 3.53 5.43
C GLY A 61 0.22 4.91 5.98
N GLN A 62 1.49 5.29 6.06
CA GLN A 62 1.86 6.59 6.65
C GLN A 62 3.05 7.29 6.01
N TRP A 63 3.84 6.63 5.18
CA TRP A 63 5.00 7.29 4.53
C TRP A 63 4.56 8.11 3.32
N ILE A 64 5.16 9.30 3.23
CA ILE A 64 5.13 10.21 2.04
C ILE A 64 6.48 10.10 1.33
N GLY A 65 6.44 10.05 -0.01
CA GLY A 65 7.63 9.91 -0.85
C GLY A 65 8.15 11.27 -1.32
N GLU A 66 9.42 11.32 -1.70
CA GLU A 66 10.04 12.61 -2.07
C GLU A 66 9.51 13.08 -3.42
N THR A 67 9.01 12.20 -4.27
CA THR A 67 8.42 12.67 -5.55
C THR A 67 6.89 12.69 -5.53
N HIS A 68 6.24 12.40 -4.41
CA HIS A 68 4.77 12.51 -4.31
C HIS A 68 4.38 13.99 -4.28
N VAL A 69 3.38 14.41 -5.03
CA VAL A 69 3.02 15.87 -4.94
C VAL A 69 1.55 16.05 -4.59
N LEU A 70 0.64 15.19 -5.06
CA LEU A 70 -0.79 15.34 -4.66
C LEU A 70 -0.94 15.13 -3.15
N LEU A 71 -0.16 14.25 -2.56
CA LEU A 71 -0.33 13.90 -1.12
C LEU A 71 0.15 15.06 -0.27
N PRO A 72 1.40 15.56 -0.37
CA PRO A 72 1.80 16.70 0.45
C PRO A 72 0.97 17.96 0.15
N GLU A 73 0.62 18.22 -1.11
CA GLU A 73 -0.24 19.40 -1.43
C GLU A 73 -1.57 19.29 -0.71
N LEU A 74 -2.22 18.14 -0.72
CA LEU A 74 -3.53 17.95 -0.06
C LEU A 74 -3.33 18.12 1.45
N GLY A 75 -2.31 17.49 2.02
CA GLY A 75 -2.00 17.63 3.45
C GLY A 75 -1.83 19.10 3.83
N ALA A 76 -1.09 19.85 3.03
CA ALA A 76 -0.84 21.29 3.28
C ALA A 76 -2.17 22.02 3.21
N GLU A 77 -3.02 21.72 2.22
CA GLU A 77 -4.31 22.41 2.07
C GLU A 77 -5.19 22.12 3.30
N LEU A 78 -5.11 20.92 3.89
CA LEU A 78 -5.92 20.53 5.05
C LEU A 78 -5.29 20.99 6.36
N GLY A 79 -4.19 21.71 6.34
CA GLY A 79 -3.60 22.28 7.57
C GLY A 79 -2.67 21.31 8.28
N LEU A 80 -2.30 20.19 7.65
CA LEU A 80 -1.39 19.23 8.30
C LEU A 80 0.05 19.68 8.10
N GLU A 81 0.93 19.18 8.96
CA GLU A 81 2.37 19.46 8.87
C GLU A 81 3.11 18.14 8.70
N THR A 82 4.19 18.18 7.92
CA THR A 82 5.06 17.01 7.71
C THR A 82 6.25 17.07 8.63
N VAL A 83 6.83 15.91 8.84
CA VAL A 83 8.18 15.83 9.48
C VAL A 83 8.94 14.79 8.70
N SER A 84 10.24 14.97 8.58
CA SER A 84 11.17 14.02 7.93
C SER A 84 11.18 12.68 8.68
N SER A 85 11.18 11.59 7.94
CA SER A 85 11.34 10.20 8.46
C SER A 85 12.79 9.78 8.35
N VAL A 86 13.67 10.64 7.84
CA VAL A 86 15.10 10.26 7.58
C VAL A 86 15.82 10.11 8.92
N LYS A 87 16.41 8.94 9.15
CA LYS A 87 17.14 8.60 10.40
C LYS A 87 18.61 8.35 10.04
N PRO A 88 19.53 9.27 10.41
CA PRO A 88 20.96 8.99 10.26
C PRO A 88 21.41 7.75 11.03
N GLY A 89 22.45 7.11 10.52
CA GLY A 89 23.06 5.91 11.12
C GLY A 89 23.03 4.75 10.15
N ASN A 90 23.56 3.61 10.56
CA ASN A 90 23.71 2.43 9.68
C ASN A 90 22.41 1.63 9.70
N ASP A 91 21.89 1.38 8.51
CA ASP A 91 20.84 0.37 8.27
C ASP A 91 21.48 -0.98 8.43
N LEU A 92 20.66 -1.98 8.72
CA LEU A 92 21.09 -3.38 8.83
C LEU A 92 20.56 -4.22 7.68
N PHE A 93 21.35 -5.22 7.36
CA PHE A 93 21.01 -6.31 6.45
C PHE A 93 21.23 -7.56 7.22
N VAL A 94 20.15 -8.23 7.59
CA VAL A 94 20.20 -9.40 8.49
C VAL A 94 19.77 -10.63 7.71
N PHE A 95 20.57 -11.69 7.73
CA PHE A 95 20.31 -12.93 6.97
C PHE A 95 20.18 -14.07 7.96
N ASN A 96 18.95 -14.52 8.17
CA ASN A 96 18.61 -15.54 9.19
C ASN A 96 19.33 -15.26 10.51
N GLY A 97 19.29 -14.01 10.96
CA GLY A 97 19.81 -13.61 12.29
C GLY A 97 21.30 -13.22 12.26
N ASP A 98 21.96 -13.39 11.12
N ASP A 98 21.99 -13.41 11.14
CA ASP A 98 23.35 -12.96 10.89
CA ASP A 98 23.38 -12.96 10.95
C ASP A 98 23.33 -11.48 10.49
C ASP A 98 23.35 -11.50 10.50
N VAL A 99 23.71 -10.59 11.41
CA VAL A 99 23.65 -9.13 11.20
C VAL A 99 24.84 -8.66 10.36
N GLU A 100 24.56 -7.92 9.29
CA GLU A 100 25.56 -7.18 8.53
C GLU A 100 25.19 -5.72 8.60
N VAL A 101 26.16 -4.89 8.95
CA VAL A 101 25.98 -3.45 9.23
C VAL A 101 26.24 -2.69 7.94
N GLY A 102 25.25 -1.89 7.52
CA GLY A 102 25.35 -1.07 6.31
C GLY A 102 26.25 0.10 6.59
N GLU A 103 26.56 0.89 5.56
CA GLU A 103 27.14 2.24 5.67
C GLU A 103 26.03 3.26 5.43
N GLU A 104 25.48 3.85 6.50
CA GLU A 104 24.21 4.62 6.39
C GLU A 104 23.23 3.71 5.64
N ASP A 105 22.62 4.16 4.54
CA ASP A 105 21.57 3.36 3.84
C ASP A 105 22.18 2.45 2.76
N GLN A 106 23.50 2.31 2.71
CA GLN A 106 24.18 1.55 1.63
C GLN A 106 24.54 0.18 2.18
N VAL A 107 24.76 -0.77 1.28
CA VAL A 107 25.22 -2.15 1.61
C VAL A 107 26.46 -2.07 2.49
N PRO A 108 26.77 -3.14 3.26
CA PRO A 108 27.98 -3.14 4.10
C PRO A 108 29.23 -2.97 3.25
N SER A 109 30.21 -2.27 3.82
CA SER A 109 31.56 -2.07 3.25
C SER A 109 32.10 -3.43 2.82
N GLY A 110 32.33 -3.63 1.52
CA GLY A 110 32.87 -4.87 0.92
C GLY A 110 32.03 -6.10 1.25
N ALA A 111 30.70 -5.99 1.29
CA ALA A 111 29.79 -7.15 1.25
C ALA A 111 30.06 -7.90 -0.05
N SER A 112 30.17 -9.22 0.01
CA SER A 112 30.52 -10.04 -1.18
C SER A 112 29.35 -10.01 -2.18
N TRP A 113 28.13 -9.65 -1.75
CA TRP A 113 26.89 -9.70 -2.58
C TRP A 113 26.54 -8.32 -3.10
N ALA A 114 27.31 -7.29 -2.79
CA ALA A 114 27.01 -5.92 -3.22
C ALA A 114 26.86 -5.83 -4.75
N GLY A 115 27.82 -6.38 -5.50
CA GLY A 115 27.80 -6.29 -6.97
C GLY A 115 26.59 -7.00 -7.58
N GLU A 116 26.29 -8.23 -7.16
N GLU A 116 26.31 -8.23 -7.14
CA GLU A 116 25.13 -8.94 -7.73
CA GLU A 116 25.16 -9.04 -7.60
C GLU A 116 23.83 -8.22 -7.34
C GLU A 116 23.84 -8.30 -7.29
N LEU A 117 23.75 -7.65 -6.13
CA LEU A 117 22.53 -6.88 -5.75
C LEU A 117 22.33 -5.76 -6.75
N SER A 118 23.36 -4.96 -7.00
CA SER A 118 23.36 -3.83 -7.95
C SER A 118 22.89 -4.32 -9.33
N ARG A 119 23.46 -5.41 -9.84
CA ARG A 119 23.11 -5.94 -11.19
C ARG A 119 21.64 -6.41 -11.18
N SER A 120 21.20 -7.06 -10.08
CA SER A 120 19.83 -7.63 -10.01
C SER A 120 18.82 -6.48 -10.06
N PHE A 121 19.13 -5.32 -9.46
CA PHE A 121 18.28 -4.10 -9.48
C PHE A 121 18.27 -3.50 -10.88
N GLU A 122 19.41 -3.47 -11.55
CA GLU A 122 19.43 -2.96 -12.93
C GLU A 122 18.55 -3.84 -13.82
N LEU A 123 18.70 -5.14 -13.72
CA LEU A 123 17.91 -6.09 -14.55
C LEU A 123 16.42 -5.96 -14.21
N LEU A 124 16.05 -5.87 -12.93
CA LEU A 124 14.62 -5.70 -12.56
C LEU A 124 14.09 -4.42 -13.18
N ASP A 125 14.83 -3.32 -13.09
CA ASP A 125 14.43 -2.02 -13.68
C ASP A 125 14.26 -2.16 -15.20
N GLU A 126 15.15 -2.88 -15.85
CA GLU A 126 15.13 -3.04 -17.32
C GLU A 126 13.87 -3.83 -17.72
N VAL A 127 13.54 -4.91 -16.99
CA VAL A 127 12.31 -5.71 -17.28
C VAL A 127 11.08 -4.79 -17.15
N GLY A 128 11.05 -3.96 -16.10
CA GLY A 128 9.96 -3.00 -15.86
C GLY A 128 9.82 -2.00 -16.99
N THR A 129 10.94 -1.46 -17.44
CA THR A 129 10.99 -0.48 -18.54
C THR A 129 10.41 -1.11 -19.81
N ARG A 130 10.72 -2.35 -20.09
CA ARG A 130 10.14 -3.06 -21.26
C ARG A 130 8.61 -3.10 -21.18
N LEU A 131 8.04 -3.17 -19.98
CA LEU A 131 6.56 -3.19 -19.82
C LEU A 131 5.99 -1.78 -19.84
N GLY A 132 6.60 -0.87 -19.09
CA GLY A 132 6.11 0.48 -18.91
C GLY A 132 4.87 0.56 -18.05
N TRP A 133 4.40 1.77 -17.79
CA TRP A 133 3.24 2.06 -16.92
C TRP A 133 2.02 2.40 -17.74
N ALA A 134 2.18 2.89 -18.96
CA ALA A 134 1.03 3.40 -19.73
C ALA A 134 0.10 2.25 -20.10
N ALA A 135 0.64 1.13 -20.57
CA ALA A 135 -0.14 -0.01 -21.10
C ALA A 135 0.72 -1.27 -21.06
N PRO A 136 1.14 -1.74 -19.86
CA PRO A 136 1.99 -2.93 -19.78
C PRO A 136 1.35 -4.16 -20.41
N TRP A 137 0.01 -4.26 -20.38
CA TRP A 137 -0.73 -5.39 -20.99
C TRP A 137 -0.53 -5.42 -22.51
N ALA A 138 -0.18 -4.29 -23.12
CA ALA A 138 0.00 -4.19 -24.59
C ALA A 138 1.46 -4.41 -24.97
N SER A 139 2.36 -4.59 -24.00
CA SER A 139 3.82 -4.69 -24.26
C SER A 139 4.10 -5.99 -24.98
N GLU A 140 5.04 -5.95 -25.92
CA GLU A 140 5.42 -7.14 -26.71
C GLU A 140 5.95 -8.23 -25.77
N HIS A 141 6.59 -7.85 -24.68
CA HIS A 141 7.25 -8.77 -23.72
C HIS A 141 6.26 -9.39 -22.71
N VAL A 142 5.00 -8.97 -22.65
CA VAL A 142 4.22 -9.17 -21.38
C VAL A 142 3.73 -10.63 -21.27
N GLY A 143 3.34 -11.26 -22.36
CA GLY A 143 2.75 -12.62 -22.31
C GLY A 143 3.69 -13.59 -21.66
N GLU A 144 4.95 -13.53 -22.06
CA GLU A 144 5.97 -14.48 -21.56
C GLU A 144 6.31 -14.15 -20.11
N LEU A 145 6.55 -12.87 -19.77
CA LEU A 145 6.87 -12.49 -18.37
C LEU A 145 5.68 -12.83 -17.44
N ASP A 146 4.46 -12.66 -17.96
CA ASP A 146 3.22 -12.81 -17.17
C ASP A 146 2.94 -14.31 -17.01
N SER A 147 3.71 -15.19 -17.65
CA SER A 147 3.52 -16.65 -17.51
C SER A 147 4.48 -17.24 -16.49
N MET A 148 5.23 -16.41 -15.79
CA MET A 148 6.23 -16.93 -14.83
C MET A 148 6.12 -16.12 -13.55
N THR A 149 6.57 -16.72 -12.46
CA THR A 149 6.53 -16.07 -11.14
C THR A 149 7.81 -15.29 -10.90
N VAL A 150 7.78 -14.45 -9.90
CA VAL A 150 8.99 -13.70 -9.49
C VAL A 150 10.02 -14.74 -9.02
N ALA A 151 9.58 -15.78 -8.32
CA ALA A 151 10.51 -16.79 -7.79
C ALA A 151 11.28 -17.40 -8.96
N GLN A 152 10.59 -17.74 -10.05
CA GLN A 152 11.23 -18.38 -11.22
C GLN A 152 12.22 -17.38 -11.85
N TRP A 153 11.87 -16.11 -11.93
CA TRP A 153 12.80 -15.08 -12.44
C TRP A 153 14.06 -14.97 -11.56
N LEU A 154 13.89 -15.08 -10.25
CA LEU A 154 15.03 -15.03 -9.30
C LEU A 154 15.90 -16.26 -9.53
N GLU A 155 15.32 -17.44 -9.74
CA GLU A 155 16.09 -18.69 -9.91
C GLU A 155 16.91 -18.57 -11.21
N GLN A 156 16.35 -17.94 -12.23
CA GLN A 156 17.03 -17.77 -13.53
C GLN A 156 18.09 -16.66 -13.47
N ASN A 157 18.01 -15.67 -12.60
CA ASN A 157 18.79 -14.43 -12.81
C ASN A 157 19.62 -14.08 -11.58
N VAL A 158 19.46 -14.80 -10.48
CA VAL A 158 20.12 -14.40 -9.19
C VAL A 158 20.78 -15.65 -8.62
N GLN A 159 22.06 -15.55 -8.23
CA GLN A 159 22.81 -16.72 -7.72
C GLN A 159 23.00 -16.59 -6.21
N SER A 160 23.29 -15.39 -5.74
CA SER A 160 23.62 -15.08 -4.32
C SER A 160 22.38 -15.33 -3.43
N SER A 161 22.51 -16.09 -2.35
CA SER A 161 21.39 -16.33 -1.41
C SER A 161 20.97 -14.98 -0.77
N GLU A 162 21.92 -14.09 -0.47
CA GLU A 162 21.64 -12.77 0.13
C GLU A 162 20.77 -11.96 -0.81
N VAL A 163 21.16 -11.83 -2.07
CA VAL A 163 20.38 -11.04 -3.04
C VAL A 163 18.98 -11.65 -3.16
N ARG A 164 18.88 -12.96 -3.19
CA ARG A 164 17.56 -13.64 -3.37
C ARG A 164 16.71 -13.35 -2.12
N LEU A 165 17.30 -13.41 -0.93
CA LEU A 165 16.57 -13.10 0.32
C LEU A 165 16.15 -11.63 0.38
N ILE A 166 16.94 -10.70 -0.16
CA ILE A 166 16.52 -9.29 -0.19
C ILE A 166 15.31 -9.14 -1.12
N HIS A 167 15.38 -9.74 -2.30
CA HIS A 167 14.25 -9.69 -3.27
C HIS A 167 13.02 -10.31 -2.59
N GLU A 168 13.22 -11.40 -1.85
CA GLU A 168 12.07 -12.11 -1.23
C GLU A 168 11.41 -11.20 -0.20
N VAL A 169 12.17 -10.52 0.66
CA VAL A 169 11.51 -9.68 1.67
C VAL A 169 10.80 -8.53 0.96
N MET A 170 11.36 -8.03 -0.13
CA MET A 170 10.76 -6.86 -0.79
C MET A 170 9.46 -7.25 -1.49
N VAL A 171 9.39 -8.40 -2.13
CA VAL A 171 8.13 -8.82 -2.79
C VAL A 171 7.10 -9.16 -1.70
N ASN A 172 7.52 -9.83 -0.66
CA ASN A 172 6.55 -10.28 0.37
C ASN A 172 5.97 -9.06 1.09
N ILE A 173 6.72 -7.96 1.22
CA ILE A 173 6.24 -6.73 1.87
C ILE A 173 5.55 -5.84 0.81
N LEU A 174 6.25 -5.50 -0.28
CA LEU A 174 5.72 -4.47 -1.21
C LEU A 174 4.51 -4.96 -1.99
N ASN A 175 4.36 -6.26 -2.17
CA ASN A 175 3.17 -6.85 -2.80
C ASN A 175 2.37 -7.70 -1.80
N GLY A 176 2.84 -7.87 -0.56
CA GLY A 176 2.11 -8.71 0.42
C GLY A 176 1.94 -10.16 -0.01
N ALA A 177 2.84 -10.70 -0.84
CA ALA A 177 2.65 -12.03 -1.43
C ALA A 177 4.03 -12.67 -1.70
N SER A 178 4.02 -13.97 -1.80
CA SER A 178 5.23 -14.79 -2.01
C SER A 178 5.71 -14.60 -3.44
N THR A 179 7.02 -14.72 -3.65
CA THR A 179 7.62 -14.69 -5.00
C THR A 179 7.07 -15.86 -5.82
N THR A 180 6.58 -16.93 -5.21
CA THR A 180 5.95 -18.06 -5.93
C THR A 180 4.52 -17.68 -6.38
N GLU A 181 3.91 -16.64 -5.81
CA GLU A 181 2.47 -16.32 -6.07
C GLU A 181 2.32 -15.15 -7.06
N VAL A 182 3.30 -14.25 -7.15
CA VAL A 182 3.17 -13.02 -7.95
C VAL A 182 3.73 -13.27 -9.33
N SER A 183 3.00 -12.80 -10.33
CA SER A 183 3.49 -12.81 -11.72
C SER A 183 4.74 -11.95 -11.81
N MET A 184 5.78 -12.40 -12.52
CA MET A 184 6.93 -11.50 -12.73
C MET A 184 6.52 -10.23 -13.51
N ALA A 185 5.63 -10.33 -14.47
CA ALA A 185 5.18 -9.17 -15.27
C ALA A 185 4.50 -8.20 -14.29
N TYR A 186 3.68 -8.70 -13.37
CA TYR A 186 2.94 -7.79 -12.45
C TYR A 186 3.96 -7.07 -11.56
N TRP A 187 4.90 -7.83 -10.98
CA TRP A 187 5.95 -7.27 -10.10
C TRP A 187 6.80 -6.22 -10.85
N ALA A 188 7.30 -6.59 -12.01
CA ALA A 188 8.17 -5.70 -12.83
C ALA A 188 7.43 -4.41 -13.16
N TYR A 189 6.18 -4.54 -13.59
CA TYR A 189 5.32 -3.37 -13.89
C TYR A 189 5.17 -2.52 -12.62
N PHE A 190 4.86 -3.18 -11.52
CA PHE A 190 4.52 -2.50 -10.24
C PHE A 190 5.69 -1.63 -9.84
N VAL A 191 6.90 -2.21 -9.91
CA VAL A 191 8.12 -1.51 -9.43
C VAL A 191 8.39 -0.35 -10.40
N HIS A 192 8.31 -0.58 -11.70
CA HIS A 192 8.57 0.49 -12.71
C HIS A 192 7.65 1.66 -12.47
N GLN A 193 6.37 1.38 -12.25
CA GLN A 193 5.34 2.43 -12.15
C GLN A 193 5.47 3.12 -10.78
N GLY A 194 6.33 2.62 -9.88
CA GLY A 194 6.68 3.32 -8.65
C GLY A 194 8.03 4.01 -8.72
N GLU A 195 8.50 4.28 -9.95
CA GLU A 195 9.75 5.01 -10.27
C GLU A 195 10.98 4.13 -10.00
N GLY A 196 10.82 2.80 -9.94
CA GLY A 196 11.94 1.87 -9.91
C GLY A 196 12.23 1.29 -8.52
N ILE A 197 13.11 0.31 -8.46
CA ILE A 197 13.29 -0.51 -7.24
C ILE A 197 13.93 0.35 -6.14
N GLU A 198 14.92 1.14 -6.48
CA GLU A 198 15.59 2.03 -5.49
C GLU A 198 14.60 3.04 -4.90
N SER A 199 13.65 3.50 -5.71
CA SER A 199 12.53 4.37 -5.24
C SER A 199 11.76 3.62 -4.14
N LEU A 200 11.34 2.40 -4.44
CA LEU A 200 10.40 1.72 -3.53
C LEU A 200 11.13 1.21 -2.30
N ILE A 201 12.42 0.89 -2.37
CA ILE A 201 13.11 0.23 -1.22
C ILE A 201 13.91 1.26 -0.43
N GLY A 202 13.80 2.55 -0.73
CA GLY A 202 14.50 3.60 0.05
C GLY A 202 14.09 3.54 1.53
N THR A 203 15.07 3.55 2.44
CA THR A 203 14.81 3.63 3.90
C THR A 203 14.78 5.09 4.35
N ARG A 204 15.34 5.98 3.54
CA ARG A 204 15.38 7.42 3.87
C ARG A 204 15.36 8.22 2.56
N SER A 205 14.83 7.61 1.50
CA SER A 205 14.77 8.26 0.17
C SER A 205 13.65 7.58 -0.61
N GLY A 206 13.32 8.12 -1.77
CA GLY A 206 12.34 7.44 -2.61
C GLY A 206 10.95 7.57 -2.00
N ALA A 207 10.28 6.44 -1.87
CA ALA A 207 8.90 6.40 -1.35
C ALA A 207 8.82 6.67 0.17
N GLN A 208 9.91 6.60 0.91
CA GLN A 208 9.89 6.69 2.39
C GLN A 208 10.71 7.91 2.87
N VAL A 209 10.13 9.10 2.94
CA VAL A 209 10.94 10.27 3.44
C VAL A 209 10.20 11.13 4.45
N ALA A 210 8.89 11.05 4.57
CA ALA A 210 8.18 11.97 5.48
C ALA A 210 6.88 11.36 6.00
N TRP A 211 6.37 11.98 7.04
CA TRP A 211 5.11 11.62 7.70
C TRP A 211 4.29 12.85 7.96
N PHE A 212 3.00 12.68 8.16
CA PHE A 212 2.16 13.76 8.72
C PHE A 212 2.12 13.63 10.24
N ILE A 213 2.48 14.71 10.92
CA ILE A 213 2.30 14.83 12.38
C ILE A 213 0.81 14.71 12.64
N GLY A 214 0.46 13.81 13.58
CA GLY A 214 -0.92 13.52 13.97
C GLY A 214 -1.55 12.32 13.24
N GLY A 215 -0.88 11.75 12.26
CA GLY A 215 -1.33 10.52 11.58
C GLY A 215 -1.90 10.79 10.20
N MET A 216 -1.79 9.79 9.35
CA MET A 216 -2.30 9.85 7.96
C MET A 216 -3.83 9.80 7.92
N GLY A 217 -4.48 9.17 8.89
CA GLY A 217 -5.96 9.12 8.92
C GLY A 217 -6.62 10.49 8.91
N GLN A 218 -5.89 11.53 9.33
CA GLN A 218 -6.37 12.92 9.31
C GLN A 218 -6.80 13.30 7.89
N VAL A 219 -6.10 12.82 6.87
CA VAL A 219 -6.40 13.25 5.47
C VAL A 219 -7.87 12.94 5.17
N THR A 220 -8.31 11.70 5.34
CA THR A 220 -9.67 11.31 5.05
C THR A 220 -10.63 11.89 6.12
N GLU A 221 -10.24 11.95 7.39
CA GLU A 221 -11.13 12.47 8.46
C GLU A 221 -11.49 13.92 8.14
N LEU A 222 -10.50 14.77 7.82
CA LEU A 222 -10.78 16.22 7.58
C LEU A 222 -11.66 16.35 6.34
N ILE A 223 -11.44 15.52 5.33
CA ILE A 223 -12.30 15.55 4.12
C ILE A 223 -13.73 15.22 4.52
N ALA A 224 -13.95 14.14 5.29
CA ALA A 224 -15.28 13.69 5.75
C ALA A 224 -15.97 14.79 6.58
N ASP A 225 -15.22 15.51 7.40
CA ASP A 225 -15.77 16.62 8.24
C ASP A 225 -16.44 17.62 7.30
N LYS A 226 -15.75 18.03 6.25
CA LYS A 226 -16.29 19.04 5.31
C LYS A 226 -17.44 18.42 4.51
N LEU A 227 -17.42 17.14 4.17
CA LEU A 227 -18.54 16.56 3.38
C LEU A 227 -19.78 16.40 4.26
N GLY A 228 -19.60 16.35 5.58
CA GLY A 228 -20.67 16.19 6.58
C GLY A 228 -21.62 15.05 6.27
N ASP A 229 -22.89 15.39 6.13
CA ASP A 229 -24.04 14.46 5.94
C ASP A 229 -23.99 13.75 4.59
N ASP A 230 -23.14 14.16 3.66
CA ASP A 230 -23.02 13.46 2.35
C ASP A 230 -22.11 12.22 2.49
N VAL A 231 -21.51 11.99 3.66
CA VAL A 231 -20.73 10.74 3.93
C VAL A 231 -21.68 9.77 4.62
N HIS A 232 -21.79 8.57 4.11
CA HIS A 232 -22.53 7.45 4.74
C HIS A 232 -21.51 6.38 5.15
N LEU A 233 -21.39 6.15 6.45
CA LEU A 233 -20.59 5.04 7.00
C LEU A 233 -21.51 3.86 7.17
N ASN A 234 -20.93 2.71 7.45
CA ASN A 234 -21.68 1.46 7.61
C ASN A 234 -22.64 1.30 6.44
N TRP A 235 -22.18 1.60 5.25
CA TRP A 235 -22.98 1.52 3.99
C TRP A 235 -22.19 0.70 2.96
N PRO A 236 -22.05 -0.62 3.20
CA PRO A 236 -21.37 -1.50 2.25
C PRO A 236 -22.22 -1.64 0.98
N VAL A 237 -21.60 -1.32 -0.14
CA VAL A 237 -22.25 -1.43 -1.46
C VAL A 237 -22.30 -2.90 -1.82
N THR A 238 -23.49 -3.37 -2.16
CA THR A 238 -23.73 -4.78 -2.48
C THR A 238 -24.12 -4.95 -3.95
N ARG A 239 -24.60 -3.90 -4.60
CA ARG A 239 -25.12 -4.03 -5.99
C ARG A 239 -25.00 -2.68 -6.69
N ILE A 240 -24.56 -2.71 -7.94
CA ILE A 240 -24.57 -1.51 -8.81
C ILE A 240 -25.41 -1.86 -10.01
N GLU A 241 -26.41 -1.03 -10.27
CA GLU A 241 -27.24 -1.12 -11.49
C GLU A 241 -27.01 0.13 -12.32
N GLN A 242 -27.04 -0.04 -13.62
CA GLN A 242 -26.77 1.04 -14.57
C GLN A 242 -27.87 1.01 -15.61
N ASP A 243 -28.24 2.19 -16.09
CA ASP A 243 -29.19 2.32 -17.21
C ASP A 243 -28.79 3.56 -18.01
N PRO A 244 -29.48 3.87 -19.13
CA PRO A 244 -29.07 4.98 -19.99
C PRO A 244 -28.98 6.35 -19.31
N THR A 245 -29.67 6.57 -18.18
CA THR A 245 -29.69 7.92 -17.54
C THR A 245 -28.97 7.94 -16.18
N GLY A 246 -28.50 6.83 -15.64
CA GLY A 246 -27.81 6.95 -14.35
C GLY A 246 -27.40 5.59 -13.77
N VAL A 247 -27.10 5.63 -12.48
CA VAL A 247 -26.55 4.48 -11.71
C VAL A 247 -27.31 4.40 -10.39
N THR A 248 -27.79 3.22 -10.07
CA THR A 248 -28.36 2.92 -8.74
C THR A 248 -27.37 2.06 -7.95
N VAL A 249 -26.97 2.58 -6.80
CA VAL A 249 -26.05 1.88 -5.85
C VAL A 249 -26.87 1.40 -4.64
N PHE A 250 -26.72 0.13 -4.27
CA PHE A 250 -27.50 -0.51 -3.21
C PHE A 250 -26.58 -0.93 -2.08
N SER A 251 -27.08 -0.81 -0.86
CA SER A 251 -26.58 -1.48 0.35
C SER A 251 -27.71 -2.33 0.91
N GLY A 252 -27.78 -3.57 0.47
CA GLY A 252 -28.94 -4.45 0.70
C GLY A 252 -30.16 -3.85 0.01
N GLU A 253 -31.17 -3.42 0.77
CA GLU A 253 -32.37 -2.77 0.19
C GLU A 253 -32.15 -1.26 0.13
N ARG A 254 -31.18 -0.71 0.84
CA ARG A 254 -30.98 0.76 0.81
C ARG A 254 -30.39 1.15 -0.53
N ARG A 255 -30.83 2.27 -1.09
CA ARG A 255 -30.44 2.62 -2.47
C ARG A 255 -30.22 4.11 -2.57
N LEU A 256 -29.31 4.47 -3.44
CA LEU A 256 -28.95 5.86 -3.77
C LEU A 256 -28.90 5.93 -5.30
N ARG A 257 -29.47 6.97 -5.90
CA ARG A 257 -29.50 7.13 -7.37
C ARG A 257 -28.62 8.33 -7.73
N ALA A 258 -27.77 8.20 -8.73
CA ALA A 258 -26.96 9.33 -9.27
C ALA A 258 -26.85 9.25 -10.79
N SER A 259 -26.17 10.21 -11.37
CA SER A 259 -25.88 10.24 -12.81
C SER A 259 -24.64 9.39 -13.10
N PHE A 260 -23.67 9.42 -12.20
CA PHE A 260 -22.41 8.65 -12.36
C PHE A 260 -22.00 8.03 -11.04
N ALA A 261 -21.15 7.02 -11.09
CA ALA A 261 -20.57 6.41 -9.87
C ALA A 261 -19.08 6.25 -10.08
N ILE A 262 -18.31 6.41 -9.00
CA ILE A 262 -16.86 6.16 -8.99
C ILE A 262 -16.59 5.04 -7.99
N LEU A 263 -16.08 3.90 -8.46
CA LEU A 263 -15.65 2.82 -7.52
C LEU A 263 -14.23 3.14 -7.06
N ALA A 264 -14.07 3.55 -5.83
CA ALA A 264 -12.76 3.96 -5.29
C ALA A 264 -12.32 2.92 -4.24
N ALA A 265 -12.24 1.70 -4.68
CA ALA A 265 -11.85 0.54 -3.86
C ALA A 265 -11.15 -0.48 -4.76
N PRO A 266 -10.39 -1.42 -4.16
CA PRO A 266 -9.59 -2.34 -4.95
C PRO A 266 -10.49 -3.22 -5.81
N PRO A 267 -9.95 -3.82 -6.89
CA PRO A 267 -10.71 -4.78 -7.70
C PRO A 267 -11.35 -5.88 -6.85
N SER A 268 -10.67 -6.37 -5.78
CA SER A 268 -11.21 -7.42 -4.89
C SER A 268 -12.52 -6.93 -4.22
N ALA A 269 -12.62 -5.67 -3.90
CA ALA A 269 -13.86 -5.04 -3.33
C ALA A 269 -15.00 -5.09 -4.35
N GLY A 270 -14.70 -4.76 -5.58
CA GLY A 270 -15.66 -4.83 -6.68
C GLY A 270 -16.16 -6.22 -6.89
N SER A 271 -15.31 -7.24 -6.66
CA SER A 271 -15.72 -8.63 -6.97
C SER A 271 -16.87 -9.04 -6.05
N ARG A 272 -17.07 -8.39 -4.90
CA ARG A 272 -18.14 -8.87 -3.97
C ARG A 272 -19.50 -8.29 -4.39
N MET A 273 -19.51 -7.30 -5.28
CA MET A 273 -20.75 -6.61 -5.68
C MET A 273 -21.39 -7.32 -6.86
N ILE A 274 -22.70 -7.20 -6.98
CA ILE A 274 -23.46 -7.75 -8.15
C ILE A 274 -23.70 -6.57 -9.08
N PHE A 275 -23.44 -6.76 -10.37
CA PHE A 275 -23.56 -5.69 -11.39
C PHE A 275 -24.68 -6.09 -12.34
N ASP A 276 -25.59 -5.15 -12.59
CA ASP A 276 -26.71 -5.36 -13.54
C ASP A 276 -26.84 -4.09 -14.35
N PRO A 277 -26.42 -4.07 -15.63
CA PRO A 277 -25.96 -5.28 -16.32
C PRO A 277 -24.58 -5.78 -15.88
N PRO A 278 -24.25 -7.06 -16.11
CA PRO A 278 -22.94 -7.59 -15.75
C PRO A 278 -21.81 -6.77 -16.40
N LEU A 279 -20.68 -6.73 -15.71
CA LEU A 279 -19.47 -6.04 -16.18
C LEU A 279 -18.98 -6.73 -17.43
N PRO A 280 -18.23 -6.00 -18.26
CA PRO A 280 -17.57 -6.66 -19.37
C PRO A 280 -16.52 -7.66 -18.88
N PRO A 281 -16.08 -8.61 -19.72
CA PRO A 281 -15.37 -9.78 -19.20
C PRO A 281 -14.02 -9.45 -18.56
N LYS A 282 -13.23 -8.54 -19.11
CA LYS A 282 -11.87 -8.33 -18.55
C LYS A 282 -12.01 -7.72 -17.16
N ARG A 283 -12.91 -6.77 -16.99
CA ARG A 283 -13.10 -6.16 -15.64
C ARG A 283 -13.58 -7.21 -14.66
N ALA A 284 -14.46 -8.12 -15.07
CA ALA A 284 -14.97 -9.18 -14.18
C ALA A 284 -13.84 -10.12 -13.76
N GLN A 285 -13.03 -10.55 -14.71
CA GLN A 285 -11.85 -11.43 -14.41
C GLN A 285 -10.85 -10.70 -13.50
N LEU A 286 -10.61 -9.44 -13.79
CA LEU A 286 -9.68 -8.61 -13.00
C LEU A 286 -10.15 -8.55 -11.56
N GLN A 287 -11.44 -8.24 -11.34
CA GLN A 287 -11.92 -8.15 -9.95
C GLN A 287 -11.79 -9.50 -9.23
N ALA A 288 -12.10 -10.60 -9.89
CA ALA A 288 -12.15 -11.91 -9.23
C ALA A 288 -10.74 -12.44 -8.99
N ARG A 289 -9.75 -12.04 -9.76
CA ARG A 289 -8.46 -12.77 -9.78
C ARG A 289 -7.29 -11.89 -9.33
N ALA A 290 -7.49 -10.60 -9.07
CA ALA A 290 -6.42 -9.73 -8.51
C ALA A 290 -6.63 -9.58 -7.01
N PRO A 291 -6.03 -10.44 -6.15
CA PRO A 291 -6.36 -10.42 -4.74
C PRO A 291 -5.53 -9.36 -4.00
N MET A 292 -5.89 -9.10 -2.75
CA MET A 292 -5.05 -8.29 -1.86
C MET A 292 -3.89 -9.20 -1.44
N GLY A 293 -2.75 -8.58 -1.24
CA GLY A 293 -1.62 -9.16 -0.51
C GLY A 293 -2.02 -9.31 0.96
N ARG A 294 -1.12 -9.86 1.75
CA ARG A 294 -1.32 -10.00 3.20
C ARG A 294 -0.13 -9.36 3.90
N LEU A 295 -0.40 -8.52 4.89
CA LEU A 295 0.64 -7.78 5.64
C LEU A 295 0.14 -7.50 7.04
N ALA A 296 1.05 -7.61 8.00
CA ALA A 296 0.82 -7.10 9.36
C ALA A 296 1.87 -6.04 9.68
N LYS A 297 1.46 -5.08 10.50
CA LYS A 297 2.29 -3.95 10.93
C LYS A 297 2.41 -4.07 12.45
N ILE A 298 3.61 -4.33 12.93
CA ILE A 298 3.93 -4.54 14.37
C ILE A 298 4.67 -3.30 14.83
N GLN A 299 4.31 -2.75 16.00
CA GLN A 299 4.93 -1.51 16.53
C GLN A 299 5.26 -1.73 17.98
N VAL A 300 6.47 -1.36 18.35
CA VAL A 300 6.91 -1.44 19.76
C VAL A 300 7.47 -0.09 20.15
N ARG A 301 7.01 0.39 21.30
CA ARG A 301 7.51 1.67 21.83
C ARG A 301 8.39 1.48 23.06
N TYR A 302 9.31 2.42 23.21
CA TYR A 302 10.43 2.41 24.16
C TYR A 302 10.67 3.84 24.64
N ASP A 303 11.40 3.98 25.73
CA ASP A 303 11.75 5.31 26.25
C ASP A 303 12.57 6.09 25.23
N GLU A 304 13.53 5.41 24.62
CA GLU A 304 14.57 6.03 23.79
C GLU A 304 14.84 5.14 22.59
N PRO A 305 15.28 5.72 21.46
CA PRO A 305 15.69 4.96 20.30
C PRO A 305 17.09 4.39 20.59
N PHE A 306 17.13 3.38 21.45
CA PHE A 306 18.37 2.77 22.01
C PHE A 306 19.25 2.18 20.89
N TRP A 307 18.69 1.84 19.73
CA TRP A 307 19.49 1.36 18.56
C TRP A 307 20.58 2.39 18.20
N GLN A 308 20.33 3.67 18.42
CA GLN A 308 21.30 4.75 18.12
C GLN A 308 22.55 4.57 19.00
N GLU A 309 22.50 3.80 20.08
CA GLU A 309 23.70 3.60 20.94
C GLU A 309 24.72 2.75 20.18
N ARG A 310 24.28 1.89 19.26
CA ARG A 310 25.20 1.13 18.36
C ARG A 310 25.43 1.90 17.03
N GLY A 311 25.00 3.15 16.94
CA GLY A 311 25.06 3.99 15.72
C GLY A 311 24.16 3.47 14.60
N LEU A 312 23.10 2.75 14.94
CA LEU A 312 22.18 2.17 13.93
C LEU A 312 21.04 3.15 13.67
N SER A 313 20.57 3.20 12.43
CA SER A 313 19.40 4.02 12.03
C SER A 313 18.11 3.43 12.66
N GLY A 314 18.05 2.11 12.82
CA GLY A 314 16.83 1.39 13.21
C GLY A 314 16.16 0.80 11.98
N ALA A 315 16.63 1.11 10.76
CA ALA A 315 16.15 0.43 9.53
C ALA A 315 16.88 -0.90 9.36
N ALA A 316 16.16 -1.92 8.91
CA ALA A 316 16.73 -3.26 8.73
C ALA A 316 15.90 -4.04 7.72
N PHE A 317 16.61 -4.64 6.77
CA PHE A 317 16.15 -5.78 5.95
C PHE A 317 16.40 -7.01 6.82
N GLU A 318 15.35 -7.44 7.55
CA GLU A 318 15.35 -8.69 8.38
C GLU A 318 14.98 -9.86 7.45
N CYS A 319 15.96 -10.56 6.90
CA CYS A 319 15.75 -11.55 5.82
C CYS A 319 15.77 -12.96 6.40
N GLY A 320 15.05 -13.84 5.72
CA GLY A 320 14.99 -15.26 6.04
C GLY A 320 13.55 -15.71 6.13
N ASP A 321 13.33 -16.77 6.91
CA ASP A 321 12.08 -17.54 6.95
C ASP A 321 11.03 -16.70 7.68
N LEU A 322 11.45 -15.77 8.52
CA LEU A 322 10.48 -14.85 9.17
C LEU A 322 10.92 -13.42 8.94
N ALA A 323 10.75 -12.96 7.71
CA ALA A 323 11.33 -11.71 7.25
C ALA A 323 10.45 -10.53 7.62
N PHE A 324 11.11 -9.42 7.92
CA PHE A 324 10.47 -8.13 8.17
C PHE A 324 11.26 -7.02 7.52
N TRP A 325 10.59 -5.92 7.28
CA TRP A 325 11.21 -4.62 7.00
C TRP A 325 11.01 -3.82 8.29
N LEU A 326 12.10 -3.38 8.92
CA LEU A 326 12.05 -2.63 10.19
C LEU A 326 12.46 -1.19 9.93
N PHE A 327 11.79 -0.26 10.59
CA PHE A 327 12.09 1.19 10.59
C PHE A 327 12.05 1.75 12.02
N ASP A 328 12.82 2.80 12.26
CA ASP A 328 12.57 3.74 13.37
C ASP A 328 11.39 4.60 12.93
N GLY A 329 10.26 4.43 13.59
CA GLY A 329 9.03 5.19 13.32
C GLY A 329 8.82 6.36 14.27
N SER A 330 9.85 6.81 14.99
CA SER A 330 9.78 7.92 15.96
C SER A 330 9.70 9.29 15.31
N LYS A 331 8.81 10.13 15.80
CA LYS A 331 8.78 11.57 15.47
C LYS A 331 9.36 12.36 16.64
N PRO A 332 10.01 13.50 16.37
CA PRO A 332 10.50 14.36 17.45
C PRO A 332 9.41 14.79 18.45
N THR A 333 8.18 14.96 17.98
CA THR A 333 7.02 15.37 18.82
C THR A 333 6.48 14.21 19.64
N ASP A 334 6.92 12.97 19.43
CA ASP A 334 6.43 11.80 20.19
C ASP A 334 7.13 11.79 21.56
N SER A 335 6.53 11.15 22.57
CA SER A 335 7.14 11.07 23.93
C SER A 335 7.77 9.70 24.16
N LEU A 336 7.53 8.74 23.26
CA LEU A 336 8.29 7.46 23.19
C LEU A 336 8.94 7.31 21.82
N ALA A 337 9.90 6.41 21.69
CA ALA A 337 10.48 6.00 20.41
C ALA A 337 9.71 4.76 19.92
N THR A 338 9.64 4.57 18.62
CA THR A 338 8.85 3.50 18.00
C THR A 338 9.76 2.72 17.04
N ILE A 339 9.73 1.39 17.13
CA ILE A 339 10.21 0.51 16.05
C ILE A 339 8.98 -0.04 15.36
N VAL A 340 8.95 0.04 14.04
CA VAL A 340 7.85 -0.49 13.17
C VAL A 340 8.41 -1.65 12.36
N GLY A 341 7.71 -2.79 12.34
CA GLY A 341 8.10 -3.91 11.49
C GLY A 341 6.92 -4.34 10.64
N PHE A 342 7.17 -4.53 9.37
CA PHE A 342 6.21 -5.10 8.39
C PHE A 342 6.57 -6.55 8.13
N ILE A 343 5.57 -7.42 8.10
CA ILE A 343 5.72 -8.84 7.68
C ILE A 343 4.55 -9.23 6.77
N GLY A 344 4.89 -9.83 5.62
CA GLY A 344 3.93 -10.08 4.53
C GLY A 344 4.04 -11.46 3.97
N GLY A 345 3.07 -11.78 3.12
CA GLY A 345 3.08 -12.95 2.24
C GLY A 345 3.44 -14.24 2.95
N LYS A 346 4.44 -14.97 2.46
CA LYS A 346 4.76 -16.30 3.04
C LYS A 346 5.34 -16.13 4.45
N HIS A 347 5.96 -15.03 4.74
CA HIS A 347 6.52 -14.78 6.09
C HIS A 347 5.34 -14.53 7.05
N LEU A 348 4.34 -13.78 6.60
CA LEU A 348 3.09 -13.65 7.41
C LEU A 348 2.39 -14.98 7.60
N ASP A 349 2.38 -15.87 6.61
CA ASP A 349 1.81 -17.23 6.80
C ASP A 349 2.52 -17.90 8.00
N ALA A 350 3.84 -17.84 8.05
CA ALA A 350 4.62 -18.41 9.15
C ALA A 350 4.26 -17.72 10.46
N TRP A 351 4.22 -16.39 10.46
CA TRP A 351 3.84 -15.56 11.63
C TRP A 351 2.48 -16.02 12.17
N HIS A 352 1.53 -16.25 11.25
CA HIS A 352 0.15 -16.66 11.61
C HIS A 352 0.17 -18.04 12.25
N ALA A 353 1.11 -18.90 11.90
CA ALA A 353 1.19 -20.27 12.44
C ALA A 353 1.69 -20.23 13.89
N LEU A 354 2.25 -19.11 14.33
CA LEU A 354 2.71 -18.97 15.72
C LEU A 354 1.51 -18.50 16.54
N SER A 355 1.51 -18.81 17.84
CA SER A 355 0.52 -18.22 18.77
C SER A 355 0.79 -16.72 18.90
N PRO A 356 -0.20 -15.90 19.26
CA PRO A 356 0.02 -14.49 19.48
C PRO A 356 1.14 -14.18 20.49
N ASN A 357 1.27 -14.99 21.53
CA ASN A 357 2.34 -14.78 22.54
C ASN A 357 3.71 -15.12 21.91
N GLU A 358 3.80 -16.22 21.16
CA GLU A 358 5.03 -16.62 20.45
C GLU A 358 5.43 -15.50 19.49
N ARG A 359 4.47 -14.84 18.85
CA ARG A 359 4.76 -13.80 17.83
C ARG A 359 5.46 -12.67 18.55
N GLU A 360 4.87 -12.19 19.64
CA GLU A 360 5.42 -11.06 20.44
C GLU A 360 6.84 -11.43 20.92
N LYS A 361 7.01 -12.61 21.50
CA LYS A 361 8.33 -13.04 22.03
C LYS A 361 9.31 -13.08 20.87
N ARG A 362 8.88 -13.59 19.73
CA ARG A 362 9.78 -13.73 18.58
C ARG A 362 10.21 -12.36 18.06
N PHE A 363 9.30 -11.40 18.01
CA PHE A 363 9.62 -10.04 17.52
C PHE A 363 10.61 -9.38 18.47
N ILE A 364 10.46 -9.59 19.77
CA ILE A 364 11.43 -8.99 20.74
C ILE A 364 12.80 -9.66 20.55
N GLU A 365 12.86 -10.96 20.37
CA GLU A 365 14.15 -11.67 20.12
C GLU A 365 14.82 -11.10 18.86
N ILE A 366 14.06 -10.79 17.81
CA ILE A 366 14.63 -10.17 16.59
C ILE A 366 15.24 -8.82 16.99
N LEU A 367 14.48 -7.96 17.66
CA LEU A 367 14.95 -6.61 18.02
C LEU A 367 16.19 -6.72 18.91
N VAL A 368 16.24 -7.68 19.82
CA VAL A 368 17.39 -7.86 20.75
C VAL A 368 18.62 -8.21 19.90
N ASN A 369 18.47 -9.18 18.99
CA ASN A 369 19.54 -9.61 18.06
C ASN A 369 20.05 -8.40 17.26
N ASN A 370 19.16 -7.59 16.71
CA ASN A 370 19.56 -6.56 15.74
C ASN A 370 20.07 -5.34 16.49
N PHE A 371 19.40 -4.95 17.58
CA PHE A 371 19.54 -3.56 18.11
C PHE A 371 20.11 -3.52 19.54
N GLY A 372 20.10 -4.64 20.27
CA GLY A 372 20.70 -4.69 21.61
C GLY A 372 19.68 -5.04 22.68
N ASP A 373 20.19 -5.39 23.87
CA ASP A 373 19.39 -5.98 24.97
C ASP A 373 18.30 -5.00 25.42
N LYS A 374 18.46 -3.70 25.22
CA LYS A 374 17.47 -2.73 25.74
C LYS A 374 16.13 -2.92 25.02
N ALA A 375 16.12 -3.72 23.96
CA ALA A 375 14.88 -4.09 23.26
C ALA A 375 13.94 -4.86 24.20
N ARG A 376 14.45 -5.47 25.28
CA ARG A 376 13.55 -6.19 26.23
C ARG A 376 12.73 -5.19 27.05
N ASP A 377 13.17 -3.94 27.18
CA ASP A 377 12.54 -3.00 28.14
C ASP A 377 11.41 -2.23 27.44
N VAL A 378 10.37 -2.97 27.09
CA VAL A 378 9.24 -2.51 26.24
C VAL A 378 8.30 -1.67 27.08
N ARG A 379 7.69 -0.69 26.42
CA ARG A 379 6.64 0.16 27.01
C ARG A 379 5.27 -0.20 26.43
N TYR A 380 5.24 -0.67 25.19
CA TYR A 380 3.98 -0.82 24.41
C TYR A 380 4.28 -1.69 23.21
N VAL A 381 3.35 -2.57 22.91
CA VAL A 381 3.45 -3.56 21.80
C VAL A 381 2.09 -3.59 21.12
N HIS A 382 2.05 -3.43 19.80
CA HIS A 382 0.76 -3.43 19.08
C HIS A 382 0.97 -4.05 17.73
N GLU A 383 0.01 -4.82 17.26
CA GLU A 383 0.00 -5.34 15.89
C GLU A 383 -1.31 -4.97 15.19
N THR A 384 -1.24 -4.54 13.93
CA THR A 384 -2.43 -4.45 13.09
C THR A 384 -2.30 -5.51 12.01
N ASP A 385 -3.17 -6.49 12.03
CA ASP A 385 -3.16 -7.56 11.05
C ASP A 385 -4.15 -7.15 9.97
N TRP A 386 -3.68 -6.76 8.79
CA TRP A 386 -4.62 -6.20 7.78
C TRP A 386 -5.51 -7.29 7.18
N THR A 387 -5.16 -8.54 7.32
CA THR A 387 -5.96 -9.62 6.66
C THR A 387 -7.36 -9.73 7.32
N VAL A 388 -7.50 -9.27 8.55
CA VAL A 388 -8.83 -9.43 9.24
C VAL A 388 -9.63 -8.12 9.21
N GLN A 389 -9.21 -7.11 8.45
CA GLN A 389 -9.97 -5.85 8.39
C GLN A 389 -11.14 -5.99 7.44
N PRO A 390 -12.39 -5.81 7.93
CA PRO A 390 -13.57 -6.13 7.13
C PRO A 390 -13.62 -5.14 5.95
N TRP A 391 -13.99 -5.66 4.79
CA TRP A 391 -14.06 -4.97 3.48
C TRP A 391 -12.67 -4.49 3.04
N THR A 392 -11.59 -5.06 3.57
CA THR A 392 -10.24 -4.84 2.98
C THR A 392 -9.57 -6.21 2.84
N GLY A 393 -9.31 -6.89 3.95
CA GLY A 393 -8.95 -8.33 3.93
C GLY A 393 -7.50 -8.48 3.46
N GLY A 394 -6.69 -7.42 3.50
CA GLY A 394 -5.28 -7.55 3.10
C GLY A 394 -4.56 -6.22 3.02
N ALA A 395 -3.30 -6.26 2.59
CA ALA A 395 -2.39 -5.12 2.54
C ALA A 395 -1.06 -5.57 1.93
N PRO A 396 -0.15 -4.64 1.56
CA PRO A 396 -0.43 -3.25 1.45
C PRO A 396 -1.21 -2.92 0.16
N VAL A 397 -1.19 -3.85 -0.80
CA VAL A 397 -1.65 -3.62 -2.18
C VAL A 397 -2.36 -4.85 -2.74
N THR A 398 -3.01 -4.61 -3.86
CA THR A 398 -3.44 -5.64 -4.83
C THR A 398 -2.18 -6.24 -5.48
N PHE A 399 -2.16 -7.54 -5.68
CA PHE A 399 -1.17 -8.21 -6.56
C PHE A 399 -1.93 -9.02 -7.60
N MET A 400 -1.17 -9.58 -8.55
CA MET A 400 -1.77 -10.42 -9.59
C MET A 400 -0.91 -11.66 -9.76
N PRO A 401 -1.56 -12.82 -9.92
CA PRO A 401 -0.88 -14.07 -10.21
C PRO A 401 -0.65 -14.19 -11.71
N THR A 402 -0.01 -15.26 -12.14
CA THR A 402 0.31 -15.45 -13.56
C THR A 402 -0.95 -15.31 -14.42
N GLY A 403 -0.78 -14.62 -15.56
CA GLY A 403 -1.75 -14.64 -16.68
C GLY A 403 -2.76 -13.52 -16.58
N LEU A 404 -2.86 -12.79 -15.46
CA LEU A 404 -3.95 -11.76 -15.35
C LEU A 404 -3.58 -10.43 -16.02
N LEU A 405 -2.48 -9.79 -15.61
CA LEU A 405 -2.09 -8.47 -16.15
C LEU A 405 -2.16 -8.51 -17.69
N SER A 406 -1.64 -9.55 -18.32
CA SER A 406 -1.56 -9.66 -19.79
C SER A 406 -2.94 -9.86 -20.42
N SER A 407 -3.92 -10.40 -19.70
CA SER A 407 -5.23 -10.79 -20.28
C SER A 407 -6.35 -9.81 -19.86
N ALA A 408 -6.19 -9.06 -18.76
CA ALA A 408 -7.29 -8.21 -18.20
C ALA A 408 -6.77 -6.88 -17.65
N GLY A 409 -5.47 -6.62 -17.70
CA GLY A 409 -4.94 -5.39 -17.08
C GLY A 409 -5.55 -4.12 -17.64
N SER A 410 -5.93 -4.10 -18.92
CA SER A 410 -6.58 -2.91 -19.56
C SER A 410 -7.86 -2.53 -18.82
N ALA A 411 -8.42 -3.39 -17.97
CA ALA A 411 -9.66 -3.07 -17.21
C ALA A 411 -9.34 -2.35 -15.87
N LEU A 412 -8.08 -2.14 -15.52
CA LEU A 412 -7.70 -1.37 -14.29
C LEU A 412 -8.27 0.05 -14.37
N ARG A 413 -8.37 0.66 -15.56
CA ARG A 413 -8.53 2.13 -15.65
C ARG A 413 -9.78 2.52 -16.42
N GLU A 414 -10.32 1.66 -17.27
CA GLU A 414 -11.32 2.07 -18.28
C GLU A 414 -12.68 2.17 -17.59
N PRO A 415 -13.43 3.28 -17.78
CA PRO A 415 -14.81 3.31 -17.31
C PRO A 415 -15.69 2.27 -18.00
N VAL A 416 -16.72 1.81 -17.28
CA VAL A 416 -17.79 0.95 -17.82
C VAL A 416 -19.09 1.75 -17.79
N ASP A 417 -19.46 2.27 -18.95
CA ASP A 417 -20.65 3.13 -19.12
C ASP A 417 -20.56 4.28 -18.11
N ARG A 418 -21.46 4.32 -17.11
CA ARG A 418 -21.53 5.45 -16.14
C ARG A 418 -20.73 5.13 -14.86
N LEU A 419 -19.96 4.04 -14.83
CA LEU A 419 -19.16 3.62 -13.64
C LEU A 419 -17.70 3.87 -13.98
N HIS A 420 -17.06 4.76 -13.23
CA HIS A 420 -15.62 5.06 -13.38
C HIS A 420 -14.85 4.37 -12.26
N PHE A 421 -13.60 4.01 -12.50
CA PHE A 421 -12.75 3.38 -11.48
C PHE A 421 -11.73 4.39 -10.99
N ALA A 422 -11.73 4.59 -9.70
CA ALA A 422 -10.61 5.21 -9.00
C ALA A 422 -9.99 4.11 -8.14
N GLY A 423 -9.42 4.47 -7.01
CA GLY A 423 -8.63 3.53 -6.20
C GLY A 423 -7.23 3.48 -6.75
N THR A 424 -6.26 3.24 -5.88
CA THR A 424 -4.83 3.37 -6.25
C THR A 424 -4.51 2.45 -7.43
N GLU A 425 -5.22 1.34 -7.60
CA GLU A 425 -4.89 0.35 -8.63
C GLU A 425 -5.14 0.93 -10.03
N ALA A 426 -5.96 1.97 -10.14
CA ALA A 426 -6.25 2.64 -11.42
C ALA A 426 -5.25 3.76 -11.73
N ALA A 427 -4.35 4.13 -10.81
CA ALA A 427 -3.41 5.23 -11.08
C ALA A 427 -2.40 4.85 -12.16
N PRO A 428 -2.12 5.76 -13.14
CA PRO A 428 -1.11 5.49 -14.15
C PRO A 428 0.27 5.30 -13.55
N MET A 429 0.60 6.05 -12.50
CA MET A 429 1.82 5.78 -11.73
C MET A 429 1.52 5.87 -10.24
N TRP A 430 2.36 5.23 -9.46
CA TRP A 430 2.19 5.15 -7.99
C TRP A 430 0.94 4.39 -7.56
N SER A 431 0.45 3.50 -8.41
CA SER A 431 -0.47 2.43 -7.99
C SER A 431 0.14 1.69 -6.79
N GLY A 432 -0.67 1.53 -5.76
CA GLY A 432 -0.30 0.78 -4.56
C GLY A 432 -0.07 1.74 -3.42
N TYR A 433 0.20 3.01 -3.76
CA TYR A 433 0.56 4.08 -2.82
C TYR A 433 -0.61 5.06 -2.65
N ILE A 434 -0.55 5.81 -1.55
CA ILE A 434 -1.55 6.90 -1.28
C ILE A 434 -1.50 7.87 -2.46
N GLU A 435 -0.31 8.16 -2.95
CA GLU A 435 -0.14 9.11 -4.08
C GLU A 435 -0.95 8.59 -5.28
N GLY A 436 -0.90 7.30 -5.51
CA GLY A 436 -1.66 6.63 -6.58
C GLY A 436 -3.14 6.80 -6.32
N ALA A 437 -3.55 6.62 -5.08
CA ALA A 437 -4.96 6.76 -4.70
C ALA A 437 -5.42 8.17 -5.10
N LEU A 438 -4.62 9.20 -4.79
CA LEU A 438 -5.02 10.60 -5.09
C LEU A 438 -5.03 10.85 -6.60
N ARG A 439 -4.03 10.35 -7.32
CA ARG A 439 -3.97 10.59 -8.77
C ARG A 439 -5.14 9.91 -9.46
N ALA A 440 -5.50 8.69 -9.04
CA ALA A 440 -6.64 7.98 -9.63
C ALA A 440 -7.95 8.70 -9.26
N GLY A 441 -8.08 9.18 -8.03
CA GLY A 441 -9.25 9.99 -7.64
C GLY A 441 -9.38 11.26 -8.48
N LYS A 442 -8.27 11.92 -8.72
CA LYS A 442 -8.21 13.13 -9.54
C LYS A 442 -8.69 12.82 -10.95
N ILE A 443 -8.15 11.77 -11.55
CA ILE A 443 -8.49 11.34 -12.94
C ILE A 443 -10.00 11.08 -13.01
N ALA A 444 -10.54 10.27 -12.10
CA ALA A 444 -11.96 9.86 -12.12
C ALA A 444 -12.87 11.10 -11.86
N ALA A 445 -12.52 11.98 -10.94
CA ALA A 445 -13.33 13.21 -10.69
C ALA A 445 -13.32 14.08 -11.97
N GLY A 446 -12.19 14.19 -12.64
CA GLY A 446 -12.10 15.02 -13.86
C GLY A 446 -12.94 14.45 -14.98
N ASP A 447 -12.88 13.13 -15.16
CA ASP A 447 -13.65 12.41 -16.21
C ASP A 447 -15.14 12.62 -15.96
N VAL A 448 -15.59 12.47 -14.73
CA VAL A 448 -17.02 12.58 -14.40
C VAL A 448 -17.44 14.06 -14.53
N LEU A 449 -16.61 14.99 -14.06
CA LEU A 449 -16.94 16.43 -14.15
C LEU A 449 -17.15 16.81 -15.61
N ALA A 450 -16.32 16.31 -16.54
CA ALA A 450 -16.46 16.59 -17.99
C ALA A 450 -17.78 16.00 -18.48
N ARG A 451 -18.22 14.87 -17.92
CA ARG A 451 -19.47 14.24 -18.40
C ARG A 451 -20.68 14.97 -17.80
N LEU A 452 -20.53 15.69 -16.69
CA LEU A 452 -21.67 16.45 -16.08
C LEU A 452 -21.88 17.78 -16.82
N ALA A 453 -20.86 18.29 -17.52
CA ALA A 453 -20.81 19.58 -18.25
C ALA A 453 -21.34 19.37 -19.67
#